data_4A76
#
_entry.id   4A76
#
_cell.length_a   51.610
_cell.length_b   77.575
_cell.length_c   100.231
_cell.angle_alpha   90.00
_cell.angle_beta   90.00
_cell.angle_gamma   90.00
#
_symmetry.space_group_name_H-M   'P 21 21 21'
#
loop_
_entity.id
_entity.type
_entity.pdbx_description
1 polymer 'LIN28 COLD SHOCK DOMAIN'
2 polymer "5'-D(*TP*TP*TP*TP*TP*TP*TP)-3'"
3 water water
#
loop_
_entity_poly.entity_id
_entity_poly.type
_entity_poly.pdbx_seq_one_letter_code
_entity_poly.pdbx_strand_id
1 'polypeptide(L)'
;GSDPQVLRGSGHCKWFNVRMGFGFISMTSREGSPLENPVDVFVHQSKLYMEGFRSLKEGEPVEFTFKKSSKGFESLRVTG
PGGNPCLGNE
;
A,C,E,G
2 'polydeoxyribonucleotide' (DT)(DT)(DT)(DT)(DT)(DT)(DT) B,D,F,H
#
# COMPACT_ATOMS: atom_id res chain seq x y z
N PRO A 4 -5.21 15.09 -19.04
CA PRO A 4 -4.13 14.13 -18.83
C PRO A 4 -4.08 13.11 -19.96
N GLN A 5 -3.35 13.44 -21.01
CA GLN A 5 -3.24 12.58 -22.18
C GLN A 5 -2.55 11.25 -21.89
N VAL A 6 -3.07 10.18 -22.47
CA VAL A 6 -2.47 8.86 -22.33
C VAL A 6 -1.70 8.55 -23.60
N LEU A 7 -0.43 8.23 -23.43
CA LEU A 7 0.48 7.89 -24.52
C LEU A 7 0.90 6.43 -24.43
N ARG A 8 1.48 5.95 -25.51
CA ARG A 8 1.92 4.58 -25.60
C ARG A 8 3.43 4.61 -25.81
N GLY A 9 4.14 3.69 -25.18
CA GLY A 9 5.60 3.58 -25.35
C GLY A 9 6.11 2.15 -25.18
N SER A 10 7.39 1.99 -25.49
CA SER A 10 8.10 0.77 -25.16
C SER A 10 9.49 1.14 -24.66
N GLY A 11 10.16 0.13 -24.14
CA GLY A 11 11.37 0.30 -23.38
C GLY A 11 11.75 -0.97 -22.67
N HIS A 12 12.51 -0.79 -21.60
CA HIS A 12 12.97 -1.89 -20.80
C HIS A 12 13.03 -1.51 -19.36
N CYS A 13 12.99 -2.51 -18.49
CA CYS A 13 13.09 -2.23 -17.07
C CYS A 13 14.48 -1.71 -16.75
N LYS A 14 14.55 -0.46 -16.31
CA LYS A 14 15.74 0.15 -15.76
C LYS A 14 16.10 -0.51 -14.43
N TRP A 15 15.22 -0.40 -13.45
CA TRP A 15 15.37 -1.14 -12.20
C TRP A 15 14.00 -1.40 -11.58
N PHE A 16 13.93 -2.39 -10.70
CA PHE A 16 12.70 -2.66 -9.96
C PHE A 16 13.08 -3.23 -8.60
N ASN A 17 12.51 -2.69 -7.54
CA ASN A 17 12.81 -3.19 -6.21
C ASN A 17 11.55 -3.82 -5.63
N VAL A 18 11.63 -5.12 -5.42
CA VAL A 18 10.52 -5.90 -4.91
C VAL A 18 10.13 -5.51 -3.47
N ARG A 19 11.08 -5.14 -2.64
CA ARG A 19 10.77 -4.74 -1.28
C ARG A 19 9.99 -3.42 -1.31
N MET A 20 10.37 -2.55 -2.25
CA MET A 20 9.69 -1.29 -2.49
C MET A 20 8.33 -1.42 -3.21
N GLY A 21 8.25 -2.34 -4.16
CA GLY A 21 7.04 -2.53 -4.97
C GLY A 21 6.96 -1.60 -6.17
N PHE A 22 8.08 -0.93 -6.50
CA PHE A 22 8.15 -0.05 -7.65
C PHE A 22 9.55 0.02 -8.27
N GLY A 23 9.64 0.70 -9.41
CA GLY A 23 10.88 0.85 -10.14
C GLY A 23 10.70 1.82 -11.28
N PHE A 24 11.60 1.77 -12.24
CA PHE A 24 11.48 2.61 -13.43
C PHE A 24 11.78 1.80 -14.67
N ILE A 25 11.11 2.23 -15.72
CA ILE A 25 11.24 1.77 -17.07
C ILE A 25 12.04 2.84 -17.83
N SER A 26 13.03 2.39 -18.58
CA SER A 26 13.71 3.24 -19.55
CA SER A 26 13.71 3.24 -19.54
C SER A 26 12.95 3.17 -20.86
N MET A 27 12.30 4.27 -21.23
CA MET A 27 11.51 4.31 -22.45
C MET A 27 12.43 4.66 -23.61
N THR A 28 12.41 3.81 -24.63
CA THR A 28 13.24 3.88 -25.81
C THR A 28 12.46 4.16 -27.09
N SER A 29 11.17 3.83 -27.09
CA SER A 29 10.26 4.29 -28.15
C SER A 29 9.02 4.85 -27.54
N ARG A 30 8.39 5.76 -28.29
CA ARG A 30 7.18 6.43 -27.88
C ARG A 30 6.30 6.64 -29.09
N GLU A 31 5.01 6.38 -28.95
CA GLU A 31 4.07 6.57 -30.02
C GLU A 31 4.59 5.95 -31.31
N GLY A 32 5.24 4.80 -31.15
CA GLY A 32 5.71 4.02 -32.29
C GLY A 32 6.96 4.52 -32.99
N SER A 33 7.60 5.54 -32.39
CA SER A 33 8.86 6.06 -32.90
C SER A 33 9.94 5.98 -31.83
N PRO A 34 11.12 5.48 -32.20
CA PRO A 34 12.27 5.40 -31.32
C PRO A 34 12.73 6.78 -30.87
N LEU A 35 13.29 6.87 -29.67
CA LEU A 35 13.73 8.14 -29.09
C LEU A 35 15.24 8.30 -29.16
N GLU A 36 15.69 9.52 -29.46
CA GLU A 36 17.13 9.79 -29.53
C GLU A 36 17.77 9.47 -28.19
N ASN A 37 17.10 9.87 -27.11
CA ASN A 37 17.55 9.58 -25.76
C ASN A 37 16.45 8.99 -24.87
N PRO A 38 16.78 7.92 -24.17
CA PRO A 38 15.82 7.24 -23.30
C PRO A 38 15.29 8.14 -22.20
N VAL A 39 14.04 7.94 -21.82
CA VAL A 39 13.41 8.70 -20.74
C VAL A 39 12.90 7.76 -19.66
N ASP A 40 13.13 8.08 -18.38
CA ASP A 40 12.60 7.25 -17.30
C ASP A 40 11.08 7.42 -17.10
N VAL A 41 10.40 6.31 -16.86
CA VAL A 41 8.98 6.33 -16.52
C VAL A 41 8.72 5.47 -15.27
N PHE A 42 8.09 6.06 -14.25
CA PHE A 42 7.74 5.35 -13.02
C PHE A 42 6.85 4.15 -13.24
N VAL A 43 7.13 3.02 -12.59
CA VAL A 43 6.22 1.86 -12.62
C VAL A 43 5.98 1.23 -11.26
N HIS A 44 4.70 1.18 -10.87
CA HIS A 44 4.27 0.50 -9.66
C HIS A 44 3.88 -0.96 -9.91
N GLN A 45 4.14 -1.80 -8.91
CA GLN A 45 3.86 -3.22 -9.04
C GLN A 45 2.41 -3.47 -9.47
N SER A 46 1.50 -2.64 -9.02
CA SER A 46 0.08 -2.80 -9.38
C SER A 46 -0.29 -2.70 -10.86
N LYS A 47 0.50 -1.97 -11.64
CA LYS A 47 0.28 -1.80 -13.07
C LYS A 47 0.76 -2.97 -13.99
N LEU A 48 1.40 -3.98 -13.41
CA LEU A 48 2.13 -5.01 -14.16
C LEU A 48 1.28 -6.19 -14.52
N TYR A 49 1.14 -6.45 -15.81
CA TYR A 49 0.27 -7.51 -16.29
C TYR A 49 0.99 -8.84 -16.19
N MET A 50 0.62 -9.59 -15.17
CA MET A 50 1.10 -10.94 -14.92
C MET A 50 0.29 -11.61 -13.81
N GLU A 51 0.39 -12.92 -13.71
CA GLU A 51 -0.27 -13.67 -12.65
C GLU A 51 0.63 -13.72 -11.41
N GLY A 52 0.02 -13.93 -10.25
CA GLY A 52 0.78 -14.15 -9.03
C GLY A 52 1.50 -12.87 -8.64
N PHE A 53 2.63 -13.00 -7.97
CA PHE A 53 3.40 -11.85 -7.49
C PHE A 53 3.99 -11.04 -8.65
N ARG A 54 3.85 -9.72 -8.56
CA ARG A 54 4.11 -8.83 -9.69
C ARG A 54 5.46 -8.11 -9.58
N SER A 55 6.32 -8.32 -10.58
CA SER A 55 7.64 -7.70 -10.58
C SER A 55 8.18 -7.66 -11.99
N LEU A 56 9.17 -6.79 -12.17
CA LEU A 56 9.94 -6.74 -13.39
C LEU A 56 11.37 -7.10 -13.09
N LYS A 57 11.95 -7.83 -14.00
CA LYS A 57 13.35 -8.09 -13.99
C LYS A 57 14.11 -6.90 -14.61
N GLU A 58 15.26 -6.56 -14.07
CA GLU A 58 16.12 -5.54 -14.68
C GLU A 58 16.38 -5.95 -16.08
N GLY A 59 16.15 -5.04 -17.02
CA GLY A 59 16.42 -5.31 -18.42
C GLY A 59 15.30 -5.87 -19.29
N GLU A 60 14.24 -6.38 -18.69
CA GLU A 60 13.25 -7.12 -19.48
C GLU A 60 12.50 -6.09 -20.32
N PRO A 61 12.18 -6.47 -21.56
CA PRO A 61 11.51 -5.57 -22.48
C PRO A 61 10.04 -5.40 -22.17
N VAL A 62 9.59 -4.15 -22.18
CA VAL A 62 8.20 -3.84 -21.87
C VAL A 62 7.51 -2.97 -22.92
N GLU A 63 6.18 -3.07 -22.90
CA GLU A 63 5.26 -2.23 -23.67
C GLU A 63 4.28 -1.65 -22.66
N PHE A 64 3.94 -0.37 -22.80
CA PHE A 64 3.12 0.27 -21.78
C PHE A 64 2.37 1.52 -22.23
N THR A 65 1.34 1.87 -21.47
CA THR A 65 0.72 3.17 -21.61
C THR A 65 1.18 3.99 -20.42
N PHE A 66 1.33 5.29 -20.62
CA PHE A 66 1.79 6.12 -19.55
C PHE A 66 1.20 7.50 -19.71
N LYS A 67 1.30 8.28 -18.64
CA LYS A 67 0.82 9.63 -18.67
C LYS A 67 1.79 10.49 -17.85
N LYS A 68 1.93 11.75 -18.24
CA LYS A 68 2.75 12.65 -17.47
C LYS A 68 2.02 12.84 -16.16
N SER A 69 2.75 12.78 -15.07
CA SER A 69 2.14 12.94 -13.76
C SER A 69 2.85 14.07 -13.05
N SER A 70 2.30 14.51 -11.93
CA SER A 70 2.90 15.60 -11.18
C SER A 70 4.29 15.20 -10.71
N LYS A 71 4.43 13.95 -10.30
CA LYS A 71 5.70 13.40 -9.81
C LYS A 71 6.61 12.98 -10.97
N GLY A 72 6.08 13.00 -12.18
CA GLY A 72 6.83 12.60 -13.36
C GLY A 72 5.95 11.67 -14.16
N PHE A 73 6.52 10.91 -15.10
CA PHE A 73 5.69 10.02 -15.84
C PHE A 73 5.24 8.84 -14.99
N GLU A 74 4.05 8.34 -15.32
CA GLU A 74 3.47 7.24 -14.57
C GLU A 74 3.00 6.22 -15.57
N SER A 75 3.54 5.02 -15.51
CA SER A 75 2.96 3.95 -16.32
CA SER A 75 2.97 3.90 -16.28
C SER A 75 1.54 3.66 -15.82
N LEU A 76 0.70 3.15 -16.70
CA LEU A 76 -0.71 2.88 -16.34
C LEU A 76 -1.07 1.42 -16.54
N ARG A 77 -0.40 0.80 -17.48
CA ARG A 77 -0.49 -0.66 -17.63
C ARG A 77 0.75 -1.09 -18.34
N VAL A 78 1.44 -2.08 -17.80
CA VAL A 78 2.68 -2.54 -18.40
C VAL A 78 2.58 -4.05 -18.73
N THR A 79 3.07 -4.40 -19.91
CA THR A 79 3.11 -5.77 -20.43
C THR A 79 4.48 -6.06 -21.04
N GLY A 80 4.69 -7.33 -21.33
CA GLY A 80 5.85 -7.73 -22.08
C GLY A 80 5.60 -7.49 -23.54
N PRO A 81 6.56 -7.90 -24.38
CA PRO A 81 6.35 -7.70 -25.82
C PRO A 81 5.05 -8.33 -26.31
N GLY A 82 4.39 -7.63 -27.22
CA GLY A 82 3.18 -8.09 -27.82
C GLY A 82 2.03 -8.37 -26.88
N GLY A 83 1.95 -7.61 -25.79
CA GLY A 83 0.84 -7.73 -24.85
C GLY A 83 0.96 -8.92 -23.94
N ASN A 84 2.03 -9.70 -24.05
CA ASN A 84 2.27 -10.81 -23.11
C ASN A 84 2.58 -10.40 -21.67
N PRO A 85 2.44 -11.34 -20.74
CA PRO A 85 2.71 -11.05 -19.34
C PRO A 85 4.16 -10.65 -19.13
N CYS A 86 4.41 -9.79 -18.13
CA CYS A 86 5.76 -9.44 -17.73
C CYS A 86 6.47 -10.68 -17.18
N LEU A 87 7.76 -10.78 -17.42
CA LEU A 87 8.56 -11.90 -16.94
C LEU A 87 8.81 -11.95 -15.42
N GLY A 88 9.26 -10.83 -14.86
CA GLY A 88 9.59 -10.72 -13.43
C GLY A 88 10.81 -11.50 -13.01
N ASN A 89 11.02 -11.63 -11.71
CA ASN A 89 12.12 -12.40 -11.18
C ASN A 89 11.89 -13.91 -11.06
N GLN C 5 0.47 12.68 20.73
CA GLN C 5 0.70 12.02 22.03
C GLN C 5 0.17 10.61 21.90
N VAL C 6 0.89 9.64 22.45
CA VAL C 6 0.52 8.26 22.29
C VAL C 6 -0.19 7.70 23.54
N LEU C 7 -1.33 7.05 23.30
CA LEU C 7 -2.15 6.50 24.38
C LEU C 7 -2.32 4.98 24.29
N ARG C 8 -2.86 4.42 25.35
CA ARG C 8 -3.12 3.00 25.40
C ARG C 8 -4.59 2.71 25.57
N GLY C 9 -5.03 1.65 24.92
CA GLY C 9 -6.41 1.23 24.94
C GLY C 9 -6.54 -0.27 24.87
N SER C 10 -7.78 -0.75 25.10
CA SER C 10 -8.11 -2.13 24.78
C SER C 10 -9.55 -2.21 24.30
N GLY C 11 -9.95 -3.38 23.83
CA GLY C 11 -11.22 -3.51 23.12
C GLY C 11 -11.34 -4.78 22.32
N HIS C 12 -12.21 -4.74 21.32
CA HIS C 12 -12.37 -5.88 20.40
C HIS C 12 -12.48 -5.41 18.96
N CYS C 13 -12.27 -6.32 18.04
CA CYS C 13 -12.39 -5.97 16.66
C CYS C 13 -13.88 -5.82 16.30
N LYS C 14 -14.22 -4.60 15.91
CA LYS C 14 -15.57 -4.30 15.46
C LYS C 14 -15.82 -4.90 14.09
N TRP C 15 -14.90 -4.63 13.16
CA TRP C 15 -14.93 -5.25 11.84
C TRP C 15 -13.57 -5.16 11.16
N PHE C 16 -13.25 -6.13 10.32
CA PHE C 16 -12.03 -6.08 9.52
C PHE C 16 -12.29 -6.63 8.13
N ASN C 17 -11.90 -5.88 7.11
CA ASN C 17 -12.06 -6.33 5.75
C ASN C 17 -10.71 -6.55 5.08
N VAL C 18 -10.46 -7.82 4.81
CA VAL C 18 -9.17 -8.27 4.30
C VAL C 18 -8.88 -7.77 2.88
N ARG C 19 -9.91 -7.55 2.08
CA ARG C 19 -9.69 -7.00 0.75
C ARG C 19 -9.23 -5.54 0.87
N MET C 20 -9.82 -4.84 1.84
CA MET C 20 -9.43 -3.49 2.21
C MET C 20 -8.08 -3.34 2.93
N GLY C 21 -7.74 -4.32 3.75
CA GLY C 21 -6.50 -4.27 4.50
C GLY C 21 -6.61 -3.42 5.75
N PHE C 22 -7.83 -3.10 6.16
CA PHE C 22 -8.06 -2.36 7.37
C PHE C 22 -9.45 -2.58 7.94
N GLY C 23 -9.62 -2.08 9.16
CA GLY C 23 -10.88 -2.22 9.87
C GLY C 23 -10.97 -1.21 11.02
N PHE C 24 -11.86 -1.50 11.96
CA PHE C 24 -11.95 -0.69 13.15
C PHE C 24 -12.01 -1.57 14.38
N ILE C 25 -11.46 -1.02 15.45
CA ILE C 25 -11.48 -1.63 16.78
C ILE C 25 -12.53 -0.92 17.64
N SER C 26 -13.32 -1.67 18.41
CA SER C 26 -14.21 -1.05 19.40
C SER C 26 -13.40 -0.94 20.65
N MET C 27 -12.97 0.28 20.98
CA MET C 27 -12.23 0.57 22.20
C MET C 27 -13.17 0.69 23.40
N THR C 28 -13.00 -0.19 24.38
CA THR C 28 -13.84 -0.20 25.57
C THR C 28 -13.09 0.00 26.88
N SER C 29 -11.78 0.18 26.79
CA SER C 29 -11.02 0.77 27.88
C SER C 29 -9.97 1.67 27.27
N ARG C 30 -9.70 2.80 27.92
CA ARG C 30 -8.73 3.78 27.42
C ARG C 30 -7.93 4.29 28.57
N GLU C 31 -6.60 4.15 28.47
CA GLU C 31 -5.67 4.54 29.54
CA GLU C 31 -5.67 4.54 29.54
C GLU C 31 -6.07 3.88 30.87
N GLY C 32 -6.55 2.64 30.76
CA GLY C 32 -7.01 1.86 31.90
C GLY C 32 -8.27 2.34 32.60
N SER C 33 -9.07 3.17 31.93
CA SER C 33 -10.41 3.51 32.39
C SER C 33 -11.41 2.84 31.46
N PRO C 34 -12.38 2.10 32.03
CA PRO C 34 -13.42 1.49 31.20
C PRO C 34 -14.31 2.54 30.59
N LEU C 35 -14.63 2.36 29.33
CA LEU C 35 -15.64 3.14 28.65
C LEU C 35 -16.89 2.26 28.47
N GLU C 36 -18.06 2.78 28.82
CA GLU C 36 -19.30 2.03 28.56
C GLU C 36 -19.74 2.16 27.11
N ASN C 37 -19.55 3.34 26.52
CA ASN C 37 -19.82 3.53 25.11
C ASN C 37 -18.53 3.33 24.32
N PRO C 38 -18.43 2.25 23.51
CA PRO C 38 -17.18 2.05 22.79
C PRO C 38 -16.87 3.10 21.76
N VAL C 39 -15.59 3.27 21.52
CA VAL C 39 -15.07 4.26 20.63
C VAL C 39 -14.32 3.58 19.48
N ASP C 40 -14.67 3.99 18.26
CA ASP C 40 -14.07 3.48 17.05
C ASP C 40 -12.62 3.93 16.88
N VAL C 41 -11.74 2.95 16.77
CA VAL C 41 -10.34 3.20 16.47
C VAL C 41 -9.90 2.48 15.17
N PHE C 42 -9.37 3.25 14.24
CA PHE C 42 -8.93 2.71 12.94
C PHE C 42 -7.76 1.77 13.12
N VAL C 43 -7.80 0.65 12.41
CA VAL C 43 -6.68 -0.28 12.43
C VAL C 43 -6.29 -0.75 11.06
N HIS C 44 -5.05 -0.45 10.66
CA HIS C 44 -4.50 -0.93 9.42
C HIS C 44 -3.77 -2.23 9.59
N GLN C 45 -3.75 -3.04 8.54
CA GLN C 45 -3.26 -4.41 8.65
C GLN C 45 -1.79 -4.46 9.09
N SER C 46 -1.00 -3.48 8.68
CA SER C 46 0.43 -3.41 8.96
C SER C 46 0.71 -3.32 10.45
N LYS C 47 -0.24 -2.79 11.21
CA LYS C 47 -0.08 -2.64 12.66
C LYS C 47 -0.29 -3.92 13.49
N LEU C 48 -0.83 -4.97 12.89
CA LEU C 48 -1.21 -6.17 13.62
C LEU C 48 -0.03 -7.06 14.02
N TYR C 49 0.06 -7.34 15.32
CA TYR C 49 1.18 -8.11 15.82
C TYR C 49 0.87 -9.57 15.62
N MET C 50 1.36 -10.11 14.52
CA MET C 50 1.17 -11.55 14.24
C MET C 50 2.05 -11.99 13.10
N GLU C 51 2.28 -13.29 12.97
CA GLU C 51 3.05 -13.79 11.86
C GLU C 51 2.17 -14.15 10.66
N GLY C 52 2.73 -13.94 9.48
CA GLY C 52 2.02 -14.23 8.26
C GLY C 52 1.10 -13.11 7.84
N PHE C 53 0.05 -13.50 7.12
CA PHE C 53 -0.96 -12.60 6.68
C PHE C 53 -1.64 -12.06 7.91
N ARG C 54 -1.80 -10.76 7.94
CA ARG C 54 -2.33 -10.11 9.13
C ARG C 54 -3.80 -9.77 8.97
N SER C 55 -4.60 -10.22 9.93
CA SER C 55 -5.99 -9.86 10.01
C SER C 55 -6.46 -9.82 11.44
N LEU C 56 -7.59 -9.15 11.64
CA LEU C 56 -8.35 -9.31 12.86
C LEU C 56 -9.61 -10.04 12.55
N LYS C 57 -9.99 -10.93 13.46
CA LYS C 57 -11.28 -11.60 13.40
C LYS C 57 -12.32 -10.73 14.08
N GLU C 58 -13.53 -10.65 13.52
CA GLU C 58 -14.57 -9.90 14.18
C GLU C 58 -14.76 -10.40 15.59
N GLY C 59 -14.76 -9.46 16.52
CA GLY C 59 -14.94 -9.77 17.95
C GLY C 59 -13.70 -10.11 18.75
N GLU C 60 -12.56 -10.33 18.13
CA GLU C 60 -11.42 -10.83 18.93
C GLU C 60 -10.85 -9.69 19.77
N PRO C 61 -10.45 -10.01 21.02
CA PRO C 61 -9.95 -9.02 21.96
C PRO C 61 -8.56 -8.54 21.58
N VAL C 62 -8.32 -7.24 21.73
CA VAL C 62 -7.06 -6.66 21.41
C VAL C 62 -6.59 -5.64 22.43
N GLU C 63 -5.29 -5.39 22.39
CA GLU C 63 -4.65 -4.33 23.18
C GLU C 63 -3.83 -3.51 22.22
N PHE C 64 -3.76 -2.20 22.45
CA PHE C 64 -3.18 -1.32 21.47
C PHE C 64 -2.69 0.04 21.98
N THR C 65 -1.79 0.62 21.19
CA THR C 65 -1.35 2.01 21.35
C THR C 65 -1.96 2.81 20.21
N PHE C 66 -2.35 4.05 20.49
CA PHE C 66 -3.01 4.84 19.45
C PHE C 66 -2.80 6.34 19.62
N LYS C 67 -3.14 7.09 18.57
CA LYS C 67 -3.02 8.54 18.59
C LYS C 67 -4.16 9.20 17.83
N LYS C 68 -4.37 10.48 18.07
CA LYS C 68 -5.30 11.22 17.25
C LYS C 68 -4.59 11.46 15.94
N SER C 69 -5.29 11.20 14.85
CA SER C 69 -4.73 11.30 13.51
C SER C 69 -5.59 12.20 12.65
N SER C 70 -5.12 12.47 11.43
CA SER C 70 -5.80 13.39 10.54
C SER C 70 -7.24 12.96 10.31
N LYS C 71 -7.45 11.68 10.04
CA LYS C 71 -8.78 11.18 9.74
C LYS C 71 -9.50 10.64 10.97
N GLY C 72 -8.88 10.80 12.14
CA GLY C 72 -9.45 10.31 13.39
C GLY C 72 -8.38 9.60 14.18
N PHE C 73 -8.77 8.67 15.05
CA PHE C 73 -7.83 7.84 15.78
C PHE C 73 -7.20 6.80 14.87
N GLU C 74 -5.95 6.47 15.14
CA GLU C 74 -5.15 5.55 14.39
C GLU C 74 -4.41 4.62 15.36
N SER C 75 -4.64 3.33 15.26
CA SER C 75 -3.86 2.35 16.03
CA SER C 75 -3.85 2.32 15.98
C SER C 75 -2.41 2.36 15.55
N LEU C 76 -1.48 2.28 16.52
CA LEU C 76 -0.07 2.29 16.19
C LEU C 76 0.52 0.91 16.26
N ARG C 77 0.03 0.11 17.18
CA ARG C 77 0.49 -1.27 17.31
C ARG C 77 -0.60 -2.01 18.04
N VAL C 78 -0.98 -3.15 17.47
CA VAL C 78 -2.09 -3.92 17.97
C VAL C 78 -1.71 -5.39 18.29
N THR C 79 -2.00 -5.83 19.53
CA THR C 79 -1.74 -7.18 19.95
C THR C 79 -3.00 -7.76 20.52
N GLY C 80 -2.92 -9.06 20.79
CA GLY C 80 -3.99 -9.71 21.54
C GLY C 80 -3.81 -9.46 23.02
N PRO C 81 -4.58 -10.17 23.84
CA PRO C 81 -4.45 -10.02 25.30
C PRO C 81 -3.00 -10.19 25.75
N GLY C 82 -2.56 -9.34 26.67
CA GLY C 82 -1.24 -9.41 27.30
C GLY C 82 -0.03 -9.20 26.41
N GLY C 83 -0.22 -8.61 25.25
CA GLY C 83 0.83 -8.52 24.25
C GLY C 83 1.03 -9.78 23.43
N ASN C 84 0.14 -10.76 23.63
CA ASN C 84 0.17 -11.94 22.78
C ASN C 84 -0.28 -11.64 21.34
N PRO C 85 0.08 -12.51 20.40
CA PRO C 85 -0.25 -12.10 19.03
C PRO C 85 -1.76 -12.15 18.75
N CYS C 86 -2.17 -11.37 17.77
CA CYS C 86 -3.53 -11.36 17.36
C CYS C 86 -3.80 -12.70 16.75
N LEU C 87 -5.07 -13.02 16.57
CA LEU C 87 -5.43 -14.31 16.05
C LEU C 87 -5.75 -14.23 14.58
N GLY C 88 -6.59 -13.28 14.20
CA GLY C 88 -7.03 -13.15 12.84
C GLY C 88 -7.97 -14.27 12.44
N ASN C 89 -8.23 -14.33 11.14
CA ASN C 89 -9.18 -15.28 10.59
C ASN C 89 -8.56 -16.67 10.45
N ASP E 3 -0.50 -4.64 -28.74
CA ASP E 3 -1.51 -5.18 -27.80
C ASP E 3 -2.88 -5.26 -28.50
N PRO E 4 -3.01 -6.20 -29.43
CA PRO E 4 -4.17 -6.34 -30.30
C PRO E 4 -5.46 -6.63 -29.56
N GLN E 5 -5.38 -7.37 -28.45
CA GLN E 5 -6.57 -7.76 -27.68
C GLN E 5 -7.31 -6.63 -26.96
N VAL E 6 -6.59 -5.59 -26.55
CA VAL E 6 -7.23 -4.52 -25.81
C VAL E 6 -8.08 -3.61 -26.72
N LEU E 7 -9.34 -3.44 -26.33
CA LEU E 7 -10.31 -2.67 -27.10
C LEU E 7 -10.91 -1.58 -26.22
N ARG E 8 -11.55 -0.61 -26.85
CA ARG E 8 -12.17 0.50 -26.12
C ARG E 8 -13.65 0.34 -26.11
N GLY E 9 -14.24 0.76 -25.00
CA GLY E 9 -15.66 0.63 -24.83
C GLY E 9 -16.19 1.63 -23.87
N SER E 10 -17.51 1.73 -23.84
CA SER E 10 -18.18 2.64 -22.92
C SER E 10 -19.59 2.16 -22.60
N GLY E 11 -20.15 2.75 -21.55
CA GLY E 11 -21.35 2.21 -20.94
C GLY E 11 -21.53 2.77 -19.57
N HIS E 12 -22.14 1.98 -18.67
CA HIS E 12 -22.38 2.46 -17.30
C HIS E 12 -22.16 1.37 -16.28
N CYS E 13 -21.95 1.78 -15.03
CA CYS E 13 -21.83 0.81 -13.96
C CYS E 13 -23.15 0.07 -13.77
N LYS E 14 -23.11 -1.25 -13.92
CA LYS E 14 -24.26 -2.14 -13.66
C LYS E 14 -24.45 -2.36 -12.17
N TRP E 15 -23.39 -2.79 -11.52
CA TRP E 15 -23.34 -2.81 -10.06
C TRP E 15 -21.91 -2.78 -9.59
N PHE E 16 -21.71 -2.40 -8.34
CA PHE E 16 -20.39 -2.43 -7.73
C PHE E 16 -20.49 -2.73 -6.24
N ASN E 17 -19.67 -3.66 -5.76
CA ASN E 17 -19.67 -4.02 -4.35
C ASN E 17 -18.33 -3.68 -3.70
N VAL E 18 -18.35 -2.69 -2.81
CA VAL E 18 -17.15 -2.20 -2.12
C VAL E 18 -16.52 -3.22 -1.18
N ARG E 19 -17.35 -4.02 -0.54
CA ARG E 19 -16.86 -5.05 0.37
C ARG E 19 -16.05 -6.10 -0.37
N MET E 20 -16.41 -6.37 -1.62
CA MET E 20 -15.74 -7.34 -2.46
C MET E 20 -14.65 -6.77 -3.35
N GLY E 21 -14.74 -5.49 -3.69
CA GLY E 21 -13.70 -4.84 -4.49
C GLY E 21 -13.93 -4.95 -5.99
N PHE E 22 -15.16 -5.22 -6.38
CA PHE E 22 -15.48 -5.41 -7.78
C PHE E 22 -16.94 -5.32 -8.10
N GLY E 23 -17.23 -5.40 -9.39
CA GLY E 23 -18.57 -5.40 -9.92
C GLY E 23 -18.53 -5.46 -11.43
N PHE E 24 -19.60 -4.99 -12.10
CA PHE E 24 -19.72 -5.07 -13.55
C PHE E 24 -20.12 -3.77 -14.21
N ILE E 25 -19.61 -3.56 -15.42
CA ILE E 25 -20.00 -2.44 -16.25
C ILE E 25 -20.88 -3.03 -17.33
N SER E 26 -21.91 -2.29 -17.69
CA SER E 26 -22.71 -2.61 -18.85
CA SER E 26 -22.72 -2.61 -18.85
C SER E 26 -22.13 -1.85 -20.02
N MET E 27 -21.48 -2.56 -20.93
CA MET E 27 -20.94 -1.92 -22.12
C MET E 27 -22.04 -1.81 -23.16
N THR E 28 -22.34 -0.55 -23.52
CA THR E 28 -23.42 -0.22 -24.44
C THR E 28 -22.90 0.34 -25.76
N SER E 29 -21.63 0.71 -25.79
CA SER E 29 -20.94 1.13 -27.00
C SER E 29 -19.55 0.48 -27.05
N ARG E 30 -19.12 0.04 -28.23
CA ARG E 30 -17.77 -0.51 -28.35
C ARG E 30 -17.01 -0.02 -29.58
N GLU E 31 -15.75 0.32 -29.39
CA GLU E 31 -14.90 0.79 -30.49
C GLU E 31 -15.65 1.87 -31.28
N GLY E 32 -16.31 2.74 -30.53
CA GLY E 32 -17.10 3.83 -31.11
C GLY E 32 -18.32 3.46 -31.94
N SER E 33 -19.07 2.45 -31.49
CA SER E 33 -20.36 2.09 -32.10
C SER E 33 -21.34 1.52 -31.05
N PRO E 34 -22.56 2.04 -30.98
CA PRO E 34 -23.51 1.47 -30.03
C PRO E 34 -23.83 0.02 -30.36
N LEU E 35 -24.17 -0.74 -29.31
CA LEU E 35 -24.33 -2.17 -29.42
C LEU E 35 -25.80 -2.56 -29.36
N GLU E 36 -26.22 -3.37 -30.30
CA GLU E 36 -27.55 -3.97 -30.27
C GLU E 36 -27.79 -4.68 -28.94
N ASN E 37 -26.80 -5.45 -28.50
CA ASN E 37 -26.86 -6.18 -27.24
C ASN E 37 -25.75 -5.78 -26.30
N PRO E 38 -26.11 -5.18 -25.16
CA PRO E 38 -25.11 -4.71 -24.19
C PRO E 38 -24.36 -5.88 -23.56
N VAL E 39 -23.10 -5.67 -23.20
CA VAL E 39 -22.26 -6.73 -22.68
C VAL E 39 -21.69 -6.44 -21.29
N ASP E 40 -21.84 -7.37 -20.35
CA ASP E 40 -21.27 -7.23 -19.01
C ASP E 40 -19.75 -7.34 -19.08
N VAL E 41 -19.08 -6.46 -18.34
CA VAL E 41 -17.63 -6.34 -18.38
C VAL E 41 -17.27 -6.21 -16.92
N PHE E 42 -16.58 -7.21 -16.42
CA PHE E 42 -16.09 -7.23 -15.05
C PHE E 42 -15.19 -6.02 -14.77
N VAL E 43 -15.37 -5.39 -13.62
CA VAL E 43 -14.48 -4.31 -13.22
C VAL E 43 -13.94 -4.50 -11.81
N HIS E 44 -12.62 -4.50 -11.67
CA HIS E 44 -12.01 -4.55 -10.35
C HIS E 44 -11.75 -3.14 -9.83
N GLN E 45 -11.78 -3.00 -8.51
CA GLN E 45 -11.58 -1.70 -7.87
C GLN E 45 -10.23 -1.14 -8.24
N SER E 46 -9.23 -2.00 -8.37
CA SER E 46 -7.88 -1.56 -8.67
C SER E 46 -7.77 -0.83 -10.00
N LYS E 47 -8.75 -0.97 -10.89
CA LYS E 47 -8.69 -0.39 -12.22
C LYS E 47 -9.34 0.97 -12.36
N LEU E 48 -9.86 1.50 -11.27
CA LEU E 48 -10.69 2.70 -11.31
C LEU E 48 -9.85 3.97 -11.15
N TYR E 49 -10.02 4.88 -12.10
CA TYR E 49 -9.16 6.04 -12.16
C TYR E 49 -9.84 7.14 -11.37
N MET E 50 -9.33 7.36 -10.17
CA MET E 50 -9.88 8.33 -9.23
C MET E 50 -8.96 8.35 -8.04
N GLU E 51 -9.13 9.35 -7.18
CA GLU E 51 -8.32 9.51 -5.97
C GLU E 51 -9.15 9.07 -4.79
N GLY E 52 -8.47 8.72 -3.70
CA GLY E 52 -9.19 8.26 -2.52
C GLY E 52 -9.68 6.85 -2.75
N PHE E 53 -10.67 6.44 -1.96
CA PHE E 53 -11.23 5.10 -2.05
C PHE E 53 -11.87 4.90 -3.40
N ARG E 54 -11.70 3.72 -3.97
CA ARG E 54 -12.14 3.45 -5.33
C ARG E 54 -13.44 2.67 -5.35
N SER E 55 -14.42 3.24 -6.03
CA SER E 55 -15.70 2.56 -6.28
C SER E 55 -16.43 3.11 -7.49
N LEU E 56 -17.38 2.34 -7.99
CA LEU E 56 -18.31 2.84 -8.97
C LEU E 56 -19.69 2.95 -8.36
N LYS E 57 -20.41 3.99 -8.75
CA LYS E 57 -21.78 4.17 -8.36
C LYS E 57 -22.61 3.60 -9.49
N GLU E 58 -23.66 2.87 -9.14
CA GLU E 58 -24.57 2.27 -10.09
C GLU E 58 -25.06 3.38 -11.00
N GLY E 59 -25.02 3.13 -12.30
CA GLY E 59 -25.57 4.04 -13.28
C GLY E 59 -24.62 5.09 -13.78
N GLU E 60 -23.47 5.26 -13.12
CA GLU E 60 -22.54 6.28 -13.57
C GLU E 60 -21.90 5.91 -14.90
N PRO E 61 -21.81 6.87 -15.80
CA PRO E 61 -21.22 6.64 -17.10
C PRO E 61 -19.72 6.39 -17.00
N VAL E 62 -19.22 5.47 -17.80
CA VAL E 62 -17.80 5.18 -17.79
C VAL E 62 -17.29 4.88 -19.18
N GLU E 63 -16.00 5.04 -19.33
CA GLU E 63 -15.29 4.69 -20.53
C GLU E 63 -14.13 3.85 -20.08
N PHE E 64 -13.70 2.90 -20.90
CA PHE E 64 -12.65 2.01 -20.45
C PHE E 64 -11.97 1.26 -21.59
N THR E 65 -10.76 0.78 -21.32
CA THR E 65 -10.12 -0.24 -22.11
C THR E 65 -10.42 -1.57 -21.45
N PHE E 66 -10.53 -2.61 -22.27
CA PHE E 66 -10.82 -3.94 -21.76
C PHE E 66 -10.23 -4.99 -22.67
N LYS E 67 -10.18 -6.22 -22.19
CA LYS E 67 -9.75 -7.34 -23.00
C LYS E 67 -10.54 -8.55 -22.59
N LYS E 68 -10.76 -9.47 -23.52
CA LYS E 68 -11.45 -10.69 -23.21
C LYS E 68 -10.56 -11.49 -22.30
N SER E 69 -11.12 -11.96 -21.20
CA SER E 69 -10.39 -12.73 -20.22
C SER E 69 -10.94 -14.14 -20.21
N SER E 70 -10.18 -15.07 -19.64
CA SER E 70 -10.69 -16.45 -19.51
C SER E 70 -11.94 -16.52 -18.65
N LYS E 71 -12.03 -15.64 -17.65
CA LYS E 71 -13.21 -15.52 -16.79
C LYS E 71 -14.40 -14.86 -17.48
N GLY E 72 -14.08 -13.99 -18.44
CA GLY E 72 -15.07 -13.16 -19.10
C GLY E 72 -14.32 -12.01 -19.70
N PHE E 73 -14.91 -10.83 -19.73
CA PHE E 73 -14.17 -9.63 -20.11
C PHE E 73 -13.62 -8.97 -18.84
N GLU E 74 -12.51 -8.27 -18.97
CA GLU E 74 -11.92 -7.60 -17.84
C GLU E 74 -11.59 -6.19 -18.22
N SER E 75 -12.00 -5.25 -17.38
CA SER E 75 -11.67 -3.85 -17.65
CA SER E 75 -11.69 -3.82 -17.54
C SER E 75 -10.24 -3.61 -17.17
N LEU E 76 -9.50 -2.82 -17.94
CA LEU E 76 -8.07 -2.59 -17.63
C LEU E 76 -7.77 -1.20 -17.08
N ARG E 77 -8.58 -0.25 -17.49
CA ARG E 77 -8.54 1.10 -16.91
C ARG E 77 -9.90 1.67 -17.20
N VAL E 78 -10.53 2.21 -16.18
CA VAL E 78 -11.86 2.74 -16.28
C VAL E 78 -11.86 4.22 -15.83
N THR E 79 -12.44 5.09 -16.64
CA THR E 79 -12.61 6.50 -16.32
C THR E 79 -14.06 6.92 -16.53
N GLY E 80 -14.36 8.13 -16.08
CA GLY E 80 -15.61 8.77 -16.34
C GLY E 80 -15.53 9.30 -17.75
N PRO E 81 -16.63 9.88 -18.26
CA PRO E 81 -16.64 10.33 -19.65
C PRO E 81 -15.55 11.34 -19.94
N GLY E 82 -14.91 11.22 -21.10
CA GLY E 82 -13.85 12.13 -21.49
C GLY E 82 -12.51 11.83 -20.82
N GLY E 83 -12.45 10.73 -20.09
CA GLY E 83 -11.26 10.37 -19.33
C GLY E 83 -11.21 10.96 -17.94
N ASN E 84 -12.32 11.57 -17.53
CA ASN E 84 -12.42 12.18 -16.21
C ASN E 84 -12.42 11.12 -15.14
N PRO E 85 -12.14 11.51 -13.89
CA PRO E 85 -12.30 10.63 -12.74
C PRO E 85 -13.69 10.05 -12.65
N CYS E 86 -13.76 8.78 -12.27
CA CYS E 86 -14.99 8.16 -11.84
C CYS E 86 -15.48 8.92 -10.63
N LEU E 87 -16.79 8.89 -10.39
CA LEU E 87 -17.39 9.61 -9.25
C LEU E 87 -17.41 8.73 -8.00
N GLY E 88 -17.78 7.47 -8.19
CA GLY E 88 -18.00 6.56 -7.08
C GLY E 88 -19.14 6.98 -6.18
N ASN E 89 -19.26 6.27 -5.07
CA ASN E 89 -20.36 6.49 -4.14
C ASN E 89 -20.14 7.74 -3.28
N SER G 2 -1.29 -5.52 28.65
CA SER G 2 -0.05 -5.47 29.44
C SER G 2 1.02 -6.23 28.71
N ASP G 3 2.06 -5.50 28.38
CA ASP G 3 2.97 -5.95 27.38
C ASP G 3 4.35 -5.71 27.97
N PRO G 4 4.73 -6.48 29.01
CA PRO G 4 5.87 -6.08 29.83
C PRO G 4 7.24 -6.17 29.15
N GLN G 5 7.34 -6.93 28.08
CA GLN G 5 8.60 -6.97 27.31
C GLN G 5 8.85 -5.73 26.44
N VAL G 6 7.83 -4.93 26.20
CA VAL G 6 8.04 -3.73 25.39
C VAL G 6 8.65 -2.62 26.24
N LEU G 7 9.83 -2.15 25.84
CA LEU G 7 10.55 -1.11 26.57
C LEU G 7 10.86 0.09 25.70
N ARG G 8 11.07 1.24 26.33
CA ARG G 8 11.43 2.46 25.64
C ARG G 8 12.94 2.65 25.66
N GLY G 9 13.46 3.18 24.58
CA GLY G 9 14.87 3.44 24.44
C GLY G 9 15.11 4.65 23.57
N SER G 10 16.36 5.05 23.50
CA SER G 10 16.74 6.09 22.58
C SER G 10 18.18 5.92 22.13
N GLY G 11 18.55 6.67 21.10
CA GLY G 11 19.89 6.58 20.55
C GLY G 11 19.93 7.19 19.18
N HIS G 12 20.71 6.59 18.31
CA HIS G 12 20.89 7.13 16.96
C HIS G 12 20.94 6.01 15.95
N CYS G 13 20.66 6.32 14.68
CA CYS G 13 20.70 5.32 13.64
C CYS G 13 22.15 4.97 13.36
N LYS G 14 22.47 3.70 13.53
CA LYS G 14 23.80 3.21 13.25
C LYS G 14 24.04 3.16 11.76
N TRP G 15 23.12 2.50 11.06
CA TRP G 15 23.10 2.43 9.61
C TRP G 15 21.74 2.04 9.12
N PHE G 16 21.48 2.38 7.86
CA PHE G 16 20.21 2.05 7.20
C PHE G 16 20.39 1.86 5.71
N ASN G 17 19.88 0.73 5.21
CA ASN G 17 19.96 0.43 3.79
C ASN G 17 18.56 0.48 3.15
N VAL G 18 18.33 1.49 2.34
CA VAL G 18 17.04 1.70 1.71
C VAL G 18 16.62 0.55 0.78
N ARG G 19 17.58 -0.02 0.08
CA ARG G 19 17.28 -1.09 -0.86
C ARG G 19 16.79 -2.35 -0.15
N MET G 20 17.40 -2.64 1.00
CA MET G 20 17.01 -3.73 1.88
C MET G 20 15.75 -3.50 2.68
N GLY G 21 15.50 -2.24 3.01
CA GLY G 21 14.39 -1.86 3.81
C GLY G 21 14.63 -1.91 5.29
N PHE G 22 15.89 -1.91 5.74
CA PHE G 22 16.12 -1.96 7.18
C PHE G 22 17.55 -1.59 7.51
N GLY G 23 17.82 -1.53 8.80
CA GLY G 23 19.11 -1.18 9.33
C GLY G 23 19.15 -1.42 10.83
N PHE G 24 19.96 -0.64 11.54
CA PHE G 24 20.11 -0.81 12.99
C PHE G 24 20.24 0.53 13.68
N ILE G 25 19.73 0.56 14.91
CA ILE G 25 19.84 1.71 15.79
C ILE G 25 20.88 1.39 16.84
N SER G 26 21.75 2.33 17.17
CA SER G 26 22.58 2.10 18.34
CA SER G 26 22.60 2.13 18.33
C SER G 26 21.80 2.65 19.46
N MET G 27 21.45 1.83 20.43
CA MET G 27 20.72 2.30 21.60
C MET G 27 21.73 2.71 22.65
N THR G 28 21.74 3.99 22.99
CA THR G 28 22.65 4.58 23.96
C THR G 28 21.98 4.90 25.29
N SER G 29 20.66 4.86 25.31
CA SER G 29 19.90 5.01 26.55
C SER G 29 18.72 4.04 26.57
N ARG G 30 18.38 3.58 27.77
CA ARG G 30 17.23 2.70 27.95
C ARG G 30 16.39 3.20 29.09
N GLU G 31 15.10 3.41 28.82
CA GLU G 31 14.14 3.80 29.86
C GLU G 31 14.61 5.06 30.59
N GLY G 32 15.22 5.98 29.85
CA GLY G 32 15.69 7.26 30.41
C GLY G 32 17.13 7.27 30.91
N SER G 33 17.71 6.09 31.13
CA SER G 33 19.07 5.98 31.67
C SER G 33 20.12 5.65 30.60
N PRO G 34 21.24 6.36 30.60
CA PRO G 34 22.31 6.09 29.64
C PRO G 34 22.89 4.71 29.88
N LEU G 35 23.20 4.00 28.80
CA LEU G 35 23.74 2.64 28.87
C LEU G 35 25.25 2.68 28.80
N GLU G 36 25.92 1.98 29.70
CA GLU G 36 27.36 1.97 29.65
C GLU G 36 27.84 1.35 28.35
N ASN G 37 27.08 0.39 27.81
CA ASN G 37 27.46 -0.29 26.58
CA ASN G 37 27.46 -0.31 26.59
C ASN G 37 26.32 -0.21 25.57
N PRO G 38 26.52 0.49 24.46
CA PRO G 38 25.42 0.66 23.53
C PRO G 38 25.02 -0.69 22.94
N VAL G 39 23.75 -0.85 22.62
CA VAL G 39 23.21 -2.09 22.13
C VAL G 39 22.54 -1.91 20.78
N ASP G 40 22.88 -2.75 19.82
CA ASP G 40 22.28 -2.67 18.49
C ASP G 40 20.83 -3.12 18.52
N VAL G 41 19.95 -2.35 17.87
CA VAL G 41 18.54 -2.68 17.78
C VAL G 41 18.11 -2.62 16.30
N PHE G 42 17.56 -3.73 15.80
CA PHE G 42 17.09 -3.86 14.43
C PHE G 42 15.94 -2.92 14.17
N VAL G 43 15.96 -2.31 13.00
CA VAL G 43 14.88 -1.47 12.59
C VAL G 43 14.49 -1.71 11.14
N HIS G 44 13.22 -2.02 10.97
CA HIS G 44 12.59 -2.18 9.69
C HIS G 44 11.93 -0.88 9.19
N GLN G 45 11.97 -0.68 7.89
CA GLN G 45 11.41 0.55 7.33
C GLN G 45 9.97 0.74 7.72
N SER G 46 9.18 -0.33 7.82
CA SER G 46 7.77 -0.19 8.21
C SER G 46 7.50 0.46 9.58
N LYS G 47 8.49 0.47 10.46
CA LYS G 47 8.33 1.00 11.83
C LYS G 47 8.57 2.51 11.97
N LEU G 48 9.05 3.12 10.90
CA LEU G 48 9.52 4.50 10.97
C LEU G 48 8.37 5.48 10.85
N TYR G 49 8.23 6.31 11.88
CA TYR G 49 7.13 7.27 11.91
C TYR G 49 7.57 8.52 11.15
N MET G 50 7.11 8.61 9.91
CA MET G 50 7.39 9.76 9.06
C MET G 50 6.46 9.69 7.87
N GLU G 51 6.23 10.82 7.21
CA GLU G 51 5.42 10.79 6.01
C GLU G 51 6.31 10.57 4.81
N GLY G 52 5.83 9.81 3.83
CA GLY G 52 6.55 9.61 2.60
C GLY G 52 7.46 8.40 2.65
N PHE G 53 8.40 8.30 1.72
CA PHE G 53 9.29 7.15 1.70
C PHE G 53 10.07 7.12 3.00
N ARG G 54 10.20 5.93 3.57
CA ARG G 54 10.72 5.81 4.91
C ARG G 54 12.18 5.36 4.95
N SER G 55 13.00 6.19 5.59
CA SER G 55 14.40 5.89 5.80
C SER G 55 14.88 6.54 7.08
N LEU G 56 16.04 6.06 7.54
CA LEU G 56 16.78 6.65 8.63
C LEU G 56 18.12 7.14 8.08
N LYS G 57 18.53 8.34 8.47
CA LYS G 57 19.85 8.86 8.08
C LYS G 57 20.85 8.45 9.15
N GLU G 58 22.04 8.02 8.74
CA GLU G 58 23.08 7.67 9.69
C GLU G 58 23.29 8.76 10.73
N GLY G 59 23.24 8.34 11.99
CA GLY G 59 23.44 9.22 13.12
C GLY G 59 22.27 10.09 13.55
N GLU G 60 21.13 10.01 12.86
CA GLU G 60 19.98 10.76 13.35
C GLU G 60 19.50 10.23 14.70
N PRO G 61 19.08 11.16 15.56
CA PRO G 61 18.60 10.81 16.90
C PRO G 61 17.20 10.24 16.84
N VAL G 62 17.03 9.10 17.52
CA VAL G 62 15.80 8.35 17.51
C VAL G 62 15.34 7.98 18.92
N GLU G 63 14.03 7.93 19.08
CA GLU G 63 13.34 7.45 20.26
C GLU G 63 12.46 6.30 19.82
N PHE G 64 12.34 5.27 20.64
CA PHE G 64 11.65 4.10 20.19
C PHE G 64 11.15 3.19 21.28
N THR G 65 10.21 2.35 20.91
CA THR G 65 9.84 1.18 21.66
C THR G 65 10.46 -0.04 20.97
N PHE G 66 10.88 -0.98 21.78
CA PHE G 66 11.51 -2.18 21.29
C PHE G 66 11.19 -3.36 22.16
N LYS G 67 11.51 -4.54 21.68
CA LYS G 67 11.36 -5.76 22.47
CA LYS G 67 11.36 -5.75 22.47
C LYS G 67 12.31 -6.81 21.97
N LYS G 68 12.80 -7.65 22.88
CA LYS G 68 13.68 -8.74 22.58
C LYS G 68 13.03 -9.65 21.55
N SER G 69 13.87 -10.14 20.66
CA SER G 69 13.49 -10.94 19.52
C SER G 69 14.36 -12.19 19.48
N SER G 70 13.99 -13.17 18.67
CA SER G 70 14.79 -14.39 18.54
C SER G 70 16.18 -14.01 18.07
N LYS G 71 16.23 -13.13 17.07
CA LYS G 71 17.46 -12.62 16.47
C LYS G 71 18.30 -11.63 17.31
N GLY G 72 17.64 -10.86 18.15
CA GLY G 72 18.30 -9.88 18.98
C GLY G 72 17.25 -8.99 19.62
N PHE G 73 17.14 -7.75 19.14
CA PHE G 73 16.09 -6.83 19.59
C PHE G 73 15.42 -6.22 18.37
N GLU G 74 14.13 -5.94 18.47
CA GLU G 74 13.37 -5.47 17.33
C GLU G 74 12.64 -4.18 17.69
N SER G 75 12.90 -3.08 16.98
CA SER G 75 12.14 -1.87 17.25
CA SER G 75 12.14 -1.83 17.13
C SER G 75 10.70 -2.08 16.73
N LEU G 76 9.79 -1.43 17.42
CA LEU G 76 8.37 -1.56 17.21
C LEU G 76 7.77 -0.30 16.62
N ARG G 77 8.34 0.84 16.99
CA ARG G 77 7.92 2.11 16.43
C ARG G 77 9.04 3.06 16.75
N VAL G 78 9.45 3.83 15.76
CA VAL G 78 10.65 4.64 15.80
C VAL G 78 10.30 6.03 15.36
N THR G 79 10.73 7.01 16.15
CA THR G 79 10.45 8.43 15.87
C THR G 79 11.70 9.18 16.17
N GLY G 80 11.68 10.49 15.89
CA GLY G 80 12.69 11.40 16.36
C GLY G 80 12.43 11.82 17.80
N PRO G 81 13.21 12.77 18.29
CA PRO G 81 13.04 13.22 19.66
C PRO G 81 11.63 13.73 19.91
N GLY G 82 11.14 13.46 21.11
CA GLY G 82 9.79 13.84 21.51
C GLY G 82 8.70 13.31 20.61
N GLY G 83 8.90 12.12 20.04
CA GLY G 83 7.91 11.53 19.13
C GLY G 83 7.68 12.28 17.82
N ASN G 84 8.64 13.12 17.43
CA ASN G 84 8.61 13.74 16.15
C ASN G 84 8.93 12.77 15.00
N PRO G 85 8.47 13.10 13.80
CA PRO G 85 8.79 12.32 12.61
C PRO G 85 10.28 12.19 12.43
N CYS G 86 10.73 10.98 12.07
CA CYS G 86 12.13 10.75 11.71
C CYS G 86 12.56 11.63 10.51
N LEU G 87 13.85 11.85 10.39
CA LEU G 87 14.39 12.73 9.35
C LEU G 87 14.54 12.02 8.01
N GLY G 88 15.13 10.83 8.03
CA GLY G 88 15.43 10.09 6.80
C GLY G 88 16.44 10.78 5.89
N ASN G 89 16.61 10.28 4.67
CA ASN G 89 17.56 10.89 3.73
C ASN G 89 16.90 12.03 2.96
#